data_9FZF
#
_entry.id   9FZF
#
_cell.length_a   147.126
_cell.length_b   147.126
_cell.length_c   85.805
_cell.angle_alpha   90
_cell.angle_beta   90
_cell.angle_gamma   120
#
_symmetry.space_group_name_H-M   'P 62 2 2'
#
loop_
_entity.id
_entity.type
_entity.pdbx_description
1 polymer 'Transcriptional repressor NrdR'
2 non-polymer "2'-DEOXYADENOSINE 5'-TRIPHOSPHATE"
3 non-polymer "ADENOSINE-5'-DIPHOSPHATE"
4 non-polymer 'ZINC ION'
5 non-polymer 'MAGNESIUM ION'
6 water water
#
_entity_poly.entity_id   1
_entity_poly.type   'polypeptide(L)'
_entity_poly.pdbx_seq_one_letter_code
;MHCPFCFAVDTKVIDSRLVGEGSSVRRRRQCLVCNERFTTFEVAELVMPRVVKSNDVREPFNEEKLRSGMLRALEKRPVS
SDDVEMAINHIKSQLRATGEREVPSKMIGNLVMEQLKKLDKVAYIRFASVYRSFEDIKDFGEEIARLEDKLAAALEHHHH
HH
;
_entity_poly.pdbx_strand_id   A,B
#
loop_
_chem_comp.id
_chem_comp.type
_chem_comp.name
_chem_comp.formula
ADP non-polymer ADENOSINE-5'-DIPHOSPHATE 'C10 H15 N5 O10 P2'
DTP non-polymer '2'-DEOXYADENOSINE 5'-TRIPHOSPHATE' 'C10 H16 N5 O12 P3'
MG non-polymer 'MAGNESIUM ION' 'Mg 2'
ZN non-polymer 'ZINC ION' 'Zn 2'
#
# COMPACT_ATOMS: atom_id res chain seq x y z
N MET A 1 9.74 34.62 10.98
CA MET A 1 10.60 33.75 10.17
C MET A 1 11.79 34.49 9.54
N HIS A 2 12.83 33.73 9.15
CA HIS A 2 14.04 34.25 8.55
C HIS A 2 13.72 34.93 7.25
N CYS A 3 14.31 36.11 7.04
CA CYS A 3 14.22 36.82 5.76
C CYS A 3 14.93 35.99 4.69
N PRO A 4 14.24 35.70 3.58
CA PRO A 4 14.87 34.90 2.53
C PRO A 4 15.95 35.61 1.73
N PHE A 5 16.20 36.91 2.01
CA PHE A 5 17.19 37.66 1.26
C PHE A 5 18.42 38.04 2.09
N CYS A 6 18.24 38.76 3.21
CA CYS A 6 19.38 39.23 4.01
C CYS A 6 19.79 38.22 5.07
N PHE A 7 18.75 37.63 5.71
CA PHE A 7 18.72 36.55 6.70
C PHE A 7 18.55 37.00 8.18
N ALA A 8 17.84 38.14 8.42
CA ALA A 8 17.33 38.61 9.71
C ALA A 8 16.40 37.49 10.20
N VAL A 9 16.58 37.05 11.45
CA VAL A 9 15.81 35.94 12.00
C VAL A 9 14.30 36.21 12.18
N ASP A 10 13.88 37.49 12.02
CA ASP A 10 12.50 37.95 12.24
C ASP A 10 12.01 38.92 11.14
N THR A 11 10.78 38.68 10.61
CA THR A 11 10.14 39.59 9.67
C THR A 11 8.73 39.95 10.17
N LYS A 12 8.29 41.19 9.97
CA LYS A 12 6.96 41.63 10.44
C LYS A 12 5.87 41.25 9.43
N VAL A 13 4.68 40.86 9.92
CA VAL A 13 3.57 40.49 9.04
C VAL A 13 2.76 41.73 8.60
N ILE A 14 2.60 41.90 7.28
CA ILE A 14 1.91 43.02 6.63
C ILE A 14 0.42 42.72 6.33
N ASP A 15 0.09 41.48 5.89
CA ASP A 15 -1.30 41.15 5.57
C ASP A 15 -1.64 39.67 5.81
N SER A 16 -2.95 39.33 5.91
CA SER A 16 -3.39 37.96 6.14
C SER A 16 -4.75 37.69 5.47
N ARG A 17 -4.76 36.92 4.37
CA ARG A 17 -6.01 36.60 3.67
C ARG A 17 -6.21 35.08 3.50
N LEU A 18 -7.46 34.64 3.38
CA LEU A 18 -7.75 33.21 3.16
C LEU A 18 -7.87 32.94 1.66
N VAL A 19 -6.72 32.80 0.96
CA VAL A 19 -6.69 32.66 -0.48
C VAL A 19 -6.97 31.24 -1.01
N GLY A 20 -6.56 30.20 -0.28
CA GLY A 20 -6.79 28.83 -0.73
C GLY A 20 -8.22 28.37 -0.51
N GLU A 21 -9.17 29.33 -0.46
CA GLU A 21 -10.59 29.13 -0.18
C GLU A 21 -10.75 28.40 1.14
N GLY A 22 -10.06 28.92 2.15
CA GLY A 22 -10.04 28.38 3.50
C GLY A 22 -8.90 27.41 3.74
N SER A 23 -8.54 26.64 2.73
CA SER A 23 -7.50 25.64 2.82
C SER A 23 -6.08 26.22 3.11
N SER A 24 -5.84 27.49 2.76
CA SER A 24 -4.53 28.11 2.97
C SER A 24 -4.57 29.59 3.39
N VAL A 25 -3.59 30.02 4.20
CA VAL A 25 -3.46 31.40 4.66
C VAL A 25 -2.29 32.08 3.95
N ARG A 26 -2.57 33.17 3.25
CA ARG A 26 -1.52 33.90 2.54
C ARG A 26 -1.13 35.10 3.37
N ARG A 27 0.17 35.30 3.53
CA ARG A 27 0.69 36.42 4.29
C ARG A 27 1.71 37.20 3.48
N ARG A 28 1.81 38.47 3.79
CA ARG A 28 2.85 39.32 3.23
C ARG A 28 3.76 39.63 4.41
N ARG A 29 5.08 39.61 4.19
CA ARG A 29 6.03 39.89 5.27
C ARG A 29 7.07 40.91 4.81
N GLN A 30 7.47 41.79 5.72
CA GLN A 30 8.48 42.81 5.39
C GLN A 30 9.66 42.64 6.29
N CYS A 31 10.87 42.70 5.72
CA CYS A 31 12.07 42.58 6.52
C CYS A 31 12.41 43.91 7.15
N LEU A 32 12.82 43.87 8.40
CA LEU A 32 13.16 45.08 9.14
C LEU A 32 14.56 45.57 8.75
N VAL A 33 15.50 44.63 8.51
CA VAL A 33 16.87 44.94 8.13
C VAL A 33 17.03 45.43 6.68
N CYS A 34 16.58 44.65 5.68
CA CYS A 34 16.76 45.03 4.28
C CYS A 34 15.51 45.66 3.62
N ASN A 35 14.43 45.87 4.40
CA ASN A 35 13.15 46.48 3.96
C ASN A 35 12.50 45.79 2.76
N GLU A 36 12.79 44.49 2.55
CA GLU A 36 12.21 43.77 1.42
C GLU A 36 10.91 43.07 1.77
N ARG A 37 10.04 42.88 0.77
CA ARG A 37 8.76 42.22 0.98
C ARG A 37 8.70 40.85 0.28
N PHE A 38 7.95 39.91 0.87
CA PHE A 38 7.80 38.56 0.32
C PHE A 38 6.50 37.93 0.74
N THR A 39 5.99 37.02 -0.08
CA THR A 39 4.72 36.35 0.18
C THR A 39 4.95 34.96 0.80
N THR A 40 4.11 34.55 1.75
CA THR A 40 4.19 33.22 2.33
C THR A 40 2.82 32.53 2.31
N PHE A 41 2.82 31.22 2.30
CA PHE A 41 1.58 30.44 2.34
C PHE A 41 1.68 29.46 3.49
N GLU A 42 0.63 29.40 4.32
CA GLU A 42 0.55 28.51 5.47
C GLU A 42 -0.44 27.42 5.12
N VAL A 43 0.03 26.17 5.06
CA VAL A 43 -0.79 25.03 4.65
C VAL A 43 -0.78 23.92 5.71
N ALA A 44 -1.87 23.14 5.81
CA ALA A 44 -1.97 22.05 6.80
C ALA A 44 -1.31 20.74 6.35
N GLU A 45 -0.43 20.18 7.19
CA GLU A 45 0.24 18.90 6.92
C GLU A 45 -0.31 17.81 7.80
N LEU A 46 -1.07 16.88 7.20
CA LEU A 46 -1.67 15.75 7.90
C LEU A 46 -0.69 14.59 8.05
N VAL A 47 -0.63 14.00 9.25
CA VAL A 47 0.23 12.85 9.61
C VAL A 47 -0.23 11.60 8.86
N MET A 48 -1.54 11.45 8.72
CA MET A 48 -2.25 10.40 8.02
C MET A 48 -3.38 11.08 7.25
N PRO A 49 -3.84 10.50 6.13
CA PRO A 49 -4.94 11.14 5.42
C PRO A 49 -6.21 11.25 6.26
N ARG A 50 -7.01 12.28 6.01
CA ARG A 50 -8.28 12.40 6.69
C ARG A 50 -9.22 11.36 6.06
N VAL A 51 -10.15 10.85 6.83
CA VAL A 51 -11.07 9.81 6.38
C VAL A 51 -12.39 10.38 5.92
N VAL A 52 -12.83 9.99 4.72
CA VAL A 52 -14.15 10.38 4.24
C VAL A 52 -15.07 9.24 4.65
N LYS A 53 -15.98 9.50 5.58
CA LYS A 53 -16.90 8.47 6.06
C LYS A 53 -17.99 8.15 5.03
N SER A 54 -18.75 7.05 5.24
CA SER A 54 -19.84 6.61 4.36
C SER A 54 -20.84 7.73 4.07
N ASN A 55 -21.08 8.60 5.05
CA ASN A 55 -22.00 9.72 4.92
C ASN A 55 -21.31 11.02 4.48
N ASP A 56 -20.16 10.90 3.79
CA ASP A 56 -19.35 11.99 3.24
C ASP A 56 -18.82 12.98 4.30
N VAL A 57 -18.90 12.62 5.58
CA VAL A 57 -18.36 13.46 6.65
C VAL A 57 -16.86 13.22 6.69
N ARG A 58 -16.06 14.30 6.68
CA ARG A 58 -14.62 14.15 6.78
C ARG A 58 -14.23 14.15 8.28
N GLU A 59 -13.37 13.21 8.69
CA GLU A 59 -12.91 13.14 10.07
C GLU A 59 -11.44 12.70 10.11
N PRO A 60 -10.67 13.00 11.17
CA PRO A 60 -9.25 12.60 11.18
C PRO A 60 -9.05 11.10 11.27
N PHE A 61 -7.87 10.63 10.86
CA PHE A 61 -7.57 9.21 10.93
C PHE A 61 -7.43 8.83 12.37
N ASN A 62 -8.21 7.84 12.79
CA ASN A 62 -8.23 7.38 14.17
C ASN A 62 -7.71 5.96 14.25
N GLU A 63 -6.48 5.78 14.74
CA GLU A 63 -5.86 4.47 14.85
C GLU A 63 -6.65 3.50 15.73
N GLU A 64 -7.26 4.03 16.81
CA GLU A 64 -8.08 3.26 17.74
C GLU A 64 -9.33 2.72 17.05
N LYS A 65 -9.99 3.52 16.20
CA LYS A 65 -11.18 3.06 15.46
C LYS A 65 -10.82 1.86 14.59
N LEU A 66 -9.67 1.95 13.92
CA LEU A 66 -9.14 0.90 13.07
C LEU A 66 -8.83 -0.37 13.89
N ARG A 67 -8.10 -0.21 15.02
CA ARG A 67 -7.69 -1.29 15.89
C ARG A 67 -8.87 -2.04 16.51
N SER A 68 -9.84 -1.31 17.08
CA SER A 68 -11.00 -1.88 17.75
C SER A 68 -11.80 -2.79 16.85
N GLY A 69 -11.97 -2.40 15.59
CA GLY A 69 -12.72 -3.18 14.64
C GLY A 69 -12.07 -4.52 14.37
N MET A 70 -10.73 -4.51 14.31
CA MET A 70 -9.95 -5.74 14.11
C MET A 70 -10.02 -6.58 15.35
N LEU A 71 -9.79 -5.98 16.53
CA LEU A 71 -9.81 -6.72 17.80
C LEU A 71 -11.14 -7.40 18.08
N ARG A 72 -12.26 -6.81 17.65
CA ARG A 72 -13.59 -7.35 17.79
C ARG A 72 -13.72 -8.61 16.96
N ALA A 73 -13.27 -8.55 15.72
CA ALA A 73 -13.33 -9.68 14.80
C ALA A 73 -12.35 -10.78 15.22
N LEU A 74 -11.23 -10.42 15.87
CA LEU A 74 -10.20 -11.36 16.34
C LEU A 74 -10.40 -11.80 17.81
N GLU A 75 -11.65 -11.92 18.25
CA GLU A 75 -11.95 -12.36 19.61
C GLU A 75 -11.79 -13.86 19.68
N LYS A 76 -11.03 -14.36 20.69
CA LYS A 76 -10.75 -15.78 20.95
C LYS A 76 -9.99 -16.47 19.80
N ARG A 77 -9.36 -15.70 18.93
CA ARG A 77 -8.61 -16.20 17.79
C ARG A 77 -7.13 -16.26 18.10
N PRO A 78 -6.40 -17.23 17.51
CA PRO A 78 -4.96 -17.33 17.80
C PRO A 78 -4.08 -16.38 16.99
N VAL A 79 -4.23 -15.09 17.25
CA VAL A 79 -3.51 -14.00 16.61
C VAL A 79 -2.96 -13.19 17.78
N SER A 80 -1.64 -13.07 17.89
CA SER A 80 -1.02 -12.35 19.00
C SER A 80 -1.22 -10.84 18.87
N SER A 81 -1.00 -10.08 19.97
CA SER A 81 -1.09 -8.62 19.96
C SER A 81 -0.08 -8.00 18.97
N ASP A 82 1.05 -8.69 18.75
CA ASP A 82 2.10 -8.28 17.82
C ASP A 82 1.58 -8.41 16.39
N ASP A 83 0.91 -9.51 16.05
CA ASP A 83 0.32 -9.73 14.72
C ASP A 83 -0.65 -8.62 14.36
N VAL A 84 -1.43 -8.16 15.35
CA VAL A 84 -2.39 -7.08 15.15
C VAL A 84 -1.66 -5.78 14.88
N GLU A 85 -0.65 -5.45 15.70
CA GLU A 85 0.11 -4.21 15.52
C GLU A 85 0.88 -4.15 14.22
N MET A 86 1.40 -5.32 13.78
CA MET A 86 2.11 -5.60 12.55
C MET A 86 1.17 -5.36 11.35
N ALA A 87 -0.11 -5.73 11.48
CA ALA A 87 -1.13 -5.53 10.44
C ALA A 87 -1.56 -4.08 10.41
N ILE A 88 -1.69 -3.43 11.57
CA ILE A 88 -2.07 -2.02 11.62
C ILE A 88 -1.01 -1.15 10.97
N ASN A 89 0.28 -1.37 11.29
CA ASN A 89 1.37 -0.57 10.69
C ASN A 89 1.43 -0.72 9.17
N HIS A 90 1.08 -1.90 8.66
CA HIS A 90 1.09 -2.15 7.23
C HIS A 90 -0.07 -1.44 6.56
N ILE A 91 -1.26 -1.38 7.23
CA ILE A 91 -2.42 -0.66 6.71
C ILE A 91 -2.13 0.84 6.67
N LYS A 92 -1.47 1.37 7.69
CA LYS A 92 -1.07 2.77 7.75
C LYS A 92 -0.11 3.11 6.62
N SER A 93 0.85 2.23 6.37
CA SER A 93 1.83 2.37 5.29
C SER A 93 1.16 2.38 3.93
N GLN A 94 0.15 1.53 3.74
CA GLN A 94 -0.62 1.43 2.50
C GLN A 94 -1.47 2.67 2.25
N LEU A 95 -2.07 3.26 3.30
CA LEU A 95 -2.84 4.51 3.13
C LEU A 95 -1.91 5.69 2.79
N ARG A 96 -0.70 5.70 3.31
CA ARG A 96 0.28 6.76 3.02
C ARG A 96 0.83 6.61 1.58
N ALA A 97 1.00 5.37 1.12
CA ALA A 97 1.50 5.06 -0.22
C ALA A 97 0.58 5.53 -1.35
N THR A 98 -0.71 5.79 -1.05
CA THR A 98 -1.64 6.38 -2.02
C THR A 98 -1.23 7.83 -2.35
N GLY A 99 -0.68 8.53 -1.37
CA GLY A 99 -0.28 9.93 -1.50
C GLY A 99 -1.44 10.90 -1.32
N GLU A 100 -2.64 10.39 -1.06
CA GLU A 100 -3.84 11.18 -0.92
C GLU A 100 -3.95 11.95 0.37
N ARG A 101 -4.53 13.15 0.31
CA ARG A 101 -4.80 13.94 1.52
C ARG A 101 -6.01 13.36 2.28
N GLU A 102 -6.94 12.71 1.54
CA GLU A 102 -8.12 12.07 2.11
C GLU A 102 -8.38 10.72 1.46
N VAL A 103 -8.89 9.77 2.22
CA VAL A 103 -9.14 8.41 1.75
C VAL A 103 -10.53 7.95 2.17
N PRO A 104 -11.25 7.27 1.28
CA PRO A 104 -12.57 6.74 1.66
C PRO A 104 -12.46 5.72 2.78
N SER A 105 -13.42 5.68 3.73
CA SER A 105 -13.37 4.67 4.81
C SER A 105 -13.52 3.24 4.26
N LYS A 106 -14.13 3.08 3.08
CA LYS A 106 -14.27 1.81 2.37
C LYS A 106 -12.89 1.25 2.05
N MET A 107 -11.92 2.12 1.71
CA MET A 107 -10.55 1.72 1.41
C MET A 107 -9.89 1.16 2.67
N ILE A 108 -10.11 1.81 3.84
CA ILE A 108 -9.60 1.34 5.14
C ILE A 108 -10.18 -0.05 5.45
N GLY A 109 -11.46 -0.22 5.18
CA GLY A 109 -12.16 -1.48 5.39
C GLY A 109 -11.62 -2.58 4.52
N ASN A 110 -11.38 -2.32 3.21
CA ASN A 110 -10.85 -3.38 2.32
C ASN A 110 -9.44 -3.80 2.73
N LEU A 111 -8.63 -2.84 3.22
CA LEU A 111 -7.29 -3.13 3.68
C LEU A 111 -7.32 -4.04 4.88
N VAL A 112 -8.26 -3.80 5.82
CA VAL A 112 -8.44 -4.66 7.01
C VAL A 112 -8.89 -6.07 6.61
N MET A 113 -9.80 -6.16 5.65
CA MET A 113 -10.27 -7.43 5.10
C MET A 113 -9.12 -8.25 4.54
N GLU A 114 -8.16 -7.62 3.85
CA GLU A 114 -7.01 -8.35 3.31
C GLU A 114 -6.03 -8.80 4.38
N GLN A 115 -5.90 -8.02 5.47
CA GLN A 115 -5.02 -8.42 6.56
C GLN A 115 -5.66 -9.59 7.26
N LEU A 116 -6.96 -9.51 7.57
CA LEU A 116 -7.65 -10.60 8.25
C LEU A 116 -7.70 -11.85 7.42
N LYS A 117 -7.76 -11.74 6.09
CA LYS A 117 -7.74 -12.91 5.20
C LYS A 117 -6.44 -13.72 5.41
N LYS A 118 -5.32 -13.01 5.66
CA LYS A 118 -4.01 -13.60 5.91
C LYS A 118 -3.89 -14.08 7.37
N LEU A 119 -4.40 -13.29 8.34
CA LEU A 119 -4.34 -13.58 9.78
C LEU A 119 -5.22 -14.76 10.26
N ASP A 120 -6.53 -14.67 10.02
CA ASP A 120 -7.49 -15.67 10.48
C ASP A 120 -8.77 -15.59 9.61
N LYS A 121 -9.15 -16.71 8.99
CA LYS A 121 -10.35 -16.73 8.14
C LYS A 121 -11.68 -16.60 8.97
N VAL A 122 -11.73 -17.03 10.27
CA VAL A 122 -12.94 -16.83 11.09
C VAL A 122 -13.11 -15.34 11.39
N ALA A 123 -12.01 -14.66 11.73
CA ALA A 123 -11.97 -13.22 11.98
C ALA A 123 -12.39 -12.44 10.74
N TYR A 124 -12.04 -12.95 9.54
CA TYR A 124 -12.41 -12.35 8.27
C TYR A 124 -13.94 -12.36 8.11
N ILE A 125 -14.60 -13.53 8.35
CA ILE A 125 -16.06 -13.70 8.26
C ILE A 125 -16.77 -12.79 9.26
N ARG A 126 -16.23 -12.68 10.49
CA ARG A 126 -16.80 -11.83 11.53
C ARG A 126 -16.80 -10.36 11.09
N PHE A 127 -15.65 -9.87 10.61
CA PHE A 127 -15.53 -8.48 10.14
C PHE A 127 -16.40 -8.24 8.92
N ALA A 128 -16.40 -9.17 7.95
CA ALA A 128 -17.22 -9.02 6.73
C ALA A 128 -18.71 -8.95 7.04
N SER A 129 -19.18 -9.66 8.07
CA SER A 129 -20.58 -9.66 8.47
C SER A 129 -21.08 -8.28 8.90
N VAL A 130 -20.20 -7.45 9.46
CA VAL A 130 -20.55 -6.10 9.87
C VAL A 130 -20.13 -5.09 8.80
N TYR A 131 -18.97 -5.30 8.19
CA TYR A 131 -18.46 -4.40 7.16
C TYR A 131 -19.31 -4.43 5.87
N ARG A 132 -19.48 -5.62 5.26
CA ARG A 132 -20.35 -5.73 4.09
C ARG A 132 -21.86 -5.68 4.47
N SER A 133 -22.18 -5.69 5.78
CA SER A 133 -23.50 -5.67 6.38
C SER A 133 -24.40 -6.78 5.88
N PHE A 134 -24.25 -8.00 6.46
CA PHE A 134 -25.08 -9.13 6.06
C PHE A 134 -26.48 -8.84 6.61
N GLU A 135 -27.49 -8.77 5.76
CA GLU A 135 -28.85 -8.47 6.22
C GLU A 135 -29.71 -9.73 6.42
N ASP A 136 -29.17 -10.91 6.08
CA ASP A 136 -29.81 -12.21 6.11
C ASP A 136 -28.81 -13.27 6.57
N ILE A 137 -29.31 -14.39 7.09
CA ILE A 137 -28.47 -15.50 7.52
C ILE A 137 -27.83 -16.17 6.28
N LYS A 138 -28.58 -16.21 5.14
CA LYS A 138 -28.09 -16.77 3.87
C LYS A 138 -26.78 -16.10 3.45
N ASP A 139 -26.70 -14.76 3.62
CA ASP A 139 -25.53 -13.93 3.34
C ASP A 139 -24.26 -14.47 3.98
N PHE A 140 -24.38 -15.17 5.13
CA PHE A 140 -23.24 -15.75 5.85
C PHE A 140 -22.63 -16.91 5.06
N GLY A 141 -23.45 -17.86 4.63
CA GLY A 141 -23.01 -19.03 3.89
C GLY A 141 -22.46 -18.69 2.53
N GLU A 142 -23.03 -17.66 1.90
CA GLU A 142 -22.60 -17.18 0.59
C GLU A 142 -21.20 -16.54 0.66
N GLU A 143 -20.84 -15.92 1.81
CA GLU A 143 -19.51 -15.33 1.98
C GLU A 143 -18.44 -16.41 2.30
N ILE A 144 -18.87 -17.56 2.83
CA ILE A 144 -17.99 -18.70 3.14
C ILE A 144 -17.59 -19.35 1.81
N ALA A 145 -18.59 -19.58 0.93
CA ALA A 145 -18.41 -20.14 -0.41
C ALA A 145 -17.49 -19.25 -1.26
N ARG A 146 -17.59 -17.92 -1.08
CA ARG A 146 -16.77 -16.91 -1.76
C ARG A 146 -15.29 -17.06 -1.35
N LEU A 147 -15.03 -17.46 -0.10
CA LEU A 147 -13.68 -17.64 0.43
C LEU A 147 -13.00 -18.92 -0.08
N GLU A 148 -13.78 -19.97 -0.44
CA GLU A 148 -13.22 -21.22 -0.96
C GLU A 148 -12.59 -21.06 -2.35
N ASP A 149 -13.02 -20.06 -3.12
CA ASP A 149 -12.51 -19.81 -4.46
C ASP A 149 -11.16 -19.10 -4.39
N MET B 1 20.49 -10.75 12.45
CA MET B 1 20.13 -9.38 12.12
C MET B 1 20.39 -8.38 13.22
N HIS B 2 21.12 -7.33 12.88
CA HIS B 2 21.40 -6.20 13.74
C HIS B 2 20.07 -5.48 13.98
N CYS B 3 19.83 -4.98 15.21
CA CYS B 3 18.59 -4.28 15.51
C CYS B 3 18.58 -2.95 14.76
N PRO B 4 17.53 -2.72 13.96
CA PRO B 4 17.45 -1.45 13.22
C PRO B 4 17.15 -0.21 14.06
N PHE B 5 16.93 -0.38 15.36
CA PHE B 5 16.59 0.74 16.22
C PHE B 5 17.68 1.08 17.24
N CYS B 6 18.14 0.10 18.05
CA CYS B 6 19.12 0.39 19.09
C CYS B 6 20.58 0.20 18.69
N PHE B 7 21.07 -0.99 18.32
CA PHE B 7 22.51 -1.23 18.16
C PHE B 7 22.89 -2.70 18.38
N ALA B 8 21.95 -3.52 18.88
CA ALA B 8 22.29 -4.88 19.26
C ALA B 8 22.64 -5.66 18.01
N VAL B 9 23.81 -6.32 18.01
CA VAL B 9 24.34 -7.00 16.84
C VAL B 9 23.53 -8.19 16.34
N ASP B 10 22.61 -8.69 17.14
CA ASP B 10 21.76 -9.80 16.75
C ASP B 10 20.44 -9.69 17.50
N THR B 11 19.38 -10.19 16.88
CA THR B 11 18.03 -10.19 17.43
C THR B 11 17.45 -11.62 17.41
N LYS B 12 16.46 -11.93 18.26
CA LYS B 12 15.82 -13.24 18.25
C LYS B 12 14.74 -13.34 17.17
N VAL B 13 14.70 -14.43 16.38
CA VAL B 13 13.59 -14.66 15.46
C VAL B 13 12.46 -15.27 16.32
N ILE B 14 11.40 -14.49 16.55
CA ILE B 14 10.27 -14.98 17.35
C ILE B 14 9.15 -15.53 16.47
N ASP B 15 9.38 -15.73 15.15
CA ASP B 15 8.43 -16.31 14.21
C ASP B 15 8.94 -16.25 12.80
N SER B 16 8.67 -17.28 12.03
CA SER B 16 9.05 -17.30 10.62
C SER B 16 7.94 -17.95 9.79
N ARG B 17 7.96 -17.78 8.47
CA ARG B 17 6.93 -18.36 7.61
C ARG B 17 7.30 -18.19 6.14
N LEU B 18 7.01 -19.20 5.33
CA LEU B 18 7.27 -19.14 3.90
C LEU B 18 6.17 -18.34 3.24
N VAL B 19 6.58 -17.26 2.55
CA VAL B 19 5.71 -16.36 1.80
C VAL B 19 6.00 -16.49 0.29
N GLY B 20 5.06 -16.01 -0.53
CA GLY B 20 5.17 -16.04 -1.98
C GLY B 20 5.37 -17.44 -2.53
N GLU B 21 4.58 -18.40 -2.02
CA GLU B 21 4.64 -19.79 -2.45
C GLU B 21 6.06 -20.39 -2.36
N GLY B 22 6.79 -20.07 -1.29
CA GLY B 22 8.15 -20.56 -1.12
C GLY B 22 9.23 -19.67 -1.67
N SER B 23 8.88 -18.64 -2.47
CA SER B 23 9.86 -17.72 -3.05
C SER B 23 10.58 -16.80 -2.04
N SER B 24 10.14 -16.82 -0.76
CA SER B 24 10.75 -15.94 0.24
C SER B 24 10.44 -16.33 1.67
N VAL B 25 11.31 -15.93 2.59
CA VAL B 25 11.14 -16.27 4.01
C VAL B 25 10.86 -15.00 4.80
N ARG B 26 9.72 -14.98 5.48
CA ARG B 26 9.36 -13.84 6.31
C ARG B 26 9.66 -14.16 7.74
N ARG B 27 10.34 -13.26 8.44
CA ARG B 27 10.66 -13.46 9.86
C ARG B 27 10.20 -12.27 10.69
N ARG B 28 9.82 -12.53 11.91
CA ARG B 28 9.41 -11.50 12.86
C ARG B 28 10.43 -11.55 13.98
N ARG B 29 11.33 -10.57 14.05
CA ARG B 29 12.39 -10.60 15.06
C ARG B 29 12.08 -9.73 16.29
N GLN B 30 12.74 -9.96 17.41
CA GLN B 30 12.59 -9.14 18.61
C GLN B 30 13.97 -8.80 19.14
N CYS B 31 14.18 -7.53 19.49
CA CYS B 31 15.46 -7.13 20.03
C CYS B 31 15.52 -7.44 21.51
N LEU B 32 16.64 -7.95 21.96
CA LEU B 32 16.82 -8.30 23.37
C LEU B 32 17.08 -7.06 24.22
N VAL B 33 17.84 -6.10 23.66
CA VAL B 33 18.20 -4.84 24.34
C VAL B 33 17.04 -3.84 24.44
N CYS B 34 16.41 -3.44 23.31
CA CYS B 34 15.34 -2.45 23.36
C CYS B 34 13.92 -3.03 23.29
N ASN B 35 13.78 -4.37 23.28
CA ASN B 35 12.52 -5.12 23.25
C ASN B 35 11.59 -4.77 22.08
N GLU B 36 12.16 -4.26 20.97
CA GLU B 36 11.35 -3.88 19.83
C GLU B 36 11.18 -4.99 18.82
N ARG B 37 10.07 -4.99 18.07
CA ARG B 37 9.82 -6.01 17.06
C ARG B 37 9.86 -5.42 15.64
N PHE B 38 10.29 -6.24 14.67
CA PHE B 38 10.38 -5.81 13.27
C PHE B 38 10.26 -6.99 12.34
N THR B 39 9.76 -6.77 11.14
CA THR B 39 9.58 -7.83 10.13
C THR B 39 10.74 -7.82 9.14
N THR B 40 11.21 -8.99 8.71
CA THR B 40 12.26 -9.07 7.71
C THR B 40 11.86 -10.04 6.59
N PHE B 41 12.41 -9.83 5.40
CA PHE B 41 12.18 -10.72 4.30
C PHE B 41 13.52 -11.16 3.75
N GLU B 42 13.66 -12.48 3.54
CA GLU B 42 14.88 -13.07 3.00
C GLU B 42 14.58 -13.51 1.57
N VAL B 43 15.28 -12.90 0.61
CA VAL B 43 15.03 -13.09 -0.83
C VAL B 43 16.32 -13.51 -1.54
N ALA B 44 16.24 -14.30 -2.62
CA ALA B 44 17.43 -14.74 -3.34
C ALA B 44 17.90 -13.84 -4.46
N GLU B 45 19.20 -13.77 -4.64
CA GLU B 45 19.80 -13.01 -5.72
C GLU B 45 19.86 -13.97 -6.91
N LEU B 46 18.97 -13.77 -7.89
CA LEU B 46 18.87 -14.68 -9.03
C LEU B 46 19.19 -14.05 -10.37
N VAL B 47 19.77 -14.85 -11.27
CA VAL B 47 20.06 -14.51 -12.67
C VAL B 47 18.71 -14.52 -13.40
N MET B 48 18.48 -13.54 -14.27
CA MET B 48 17.22 -13.48 -14.99
C MET B 48 17.34 -13.73 -16.50
N PRO B 49 16.37 -14.50 -17.05
CA PRO B 49 16.37 -14.80 -18.50
C PRO B 49 16.32 -13.58 -19.40
N ARG B 50 16.71 -13.77 -20.64
CA ARG B 50 16.61 -12.78 -21.69
C ARG B 50 15.11 -12.62 -22.01
N VAL B 51 14.67 -11.43 -22.40
CA VAL B 51 13.26 -11.20 -22.71
C VAL B 51 13.01 -11.17 -24.22
N VAL B 52 12.01 -11.93 -24.70
CA VAL B 52 11.64 -11.89 -26.11
C VAL B 52 10.44 -10.95 -26.18
N LYS B 53 10.61 -9.78 -26.78
CA LYS B 53 9.53 -8.80 -26.88
C LYS B 53 8.44 -9.22 -27.89
N SER B 54 7.29 -8.53 -27.90
CA SER B 54 6.16 -8.80 -28.81
C SER B 54 6.60 -8.88 -30.26
N ASN B 55 7.57 -8.03 -30.65
CA ASN B 55 8.10 -7.97 -32.00
C ASN B 55 9.33 -8.86 -32.20
N ASP B 56 9.47 -9.92 -31.40
CA ASP B 56 10.53 -10.91 -31.44
C ASP B 56 11.95 -10.34 -31.22
N VAL B 57 12.05 -9.10 -30.75
CA VAL B 57 13.34 -8.51 -30.43
C VAL B 57 13.78 -9.04 -29.08
N ARG B 58 15.02 -9.55 -28.98
CA ARG B 58 15.52 -10.04 -27.70
C ARG B 58 16.20 -8.89 -26.98
N GLU B 59 15.90 -8.72 -25.68
CA GLU B 59 16.52 -7.65 -24.88
C GLU B 59 16.75 -8.14 -23.46
N PRO B 60 17.68 -7.56 -22.67
CA PRO B 60 17.91 -8.08 -21.30
C PRO B 60 16.74 -7.84 -20.37
N PHE B 61 16.65 -8.62 -19.29
CA PHE B 61 15.58 -8.45 -18.32
C PHE B 61 15.80 -7.14 -17.60
N ASN B 62 14.85 -6.21 -17.70
CA ASN B 62 14.97 -4.92 -17.04
C ASN B 62 13.96 -4.84 -15.91
N GLU B 63 14.44 -4.96 -14.67
CA GLU B 63 13.60 -4.90 -13.48
C GLU B 63 12.81 -3.59 -13.41
N GLU B 64 13.39 -2.47 -13.90
CA GLU B 64 12.74 -1.19 -13.81
C GLU B 64 11.63 -1.03 -14.86
N LYS B 65 11.74 -1.71 -16.02
CA LYS B 65 10.64 -1.76 -16.98
C LYS B 65 9.45 -2.48 -16.34
N LEU B 66 9.70 -3.58 -15.63
CA LEU B 66 8.71 -4.35 -14.91
C LEU B 66 8.06 -3.50 -13.80
N ARG B 67 8.88 -2.84 -12.97
CA ARG B 67 8.45 -2.03 -11.85
C ARG B 67 7.60 -0.83 -12.27
N SER B 68 8.06 -0.05 -13.28
CA SER B 68 7.36 1.14 -13.79
C SER B 68 5.96 0.85 -14.26
N GLY B 69 5.78 -0.28 -14.93
CA GLY B 69 4.46 -0.66 -15.43
C GLY B 69 3.48 -0.89 -14.31
N MET B 70 3.97 -1.49 -13.22
CA MET B 70 3.17 -1.75 -12.05
C MET B 70 2.90 -0.43 -11.35
N LEU B 71 3.91 0.41 -11.15
CA LEU B 71 3.76 1.68 -10.45
C LEU B 71 2.78 2.65 -11.11
N ARG B 72 2.70 2.59 -12.45
CA ARG B 72 1.78 3.38 -13.25
C ARG B 72 0.36 2.94 -12.95
N ALA B 73 0.11 1.63 -12.96
CA ALA B 73 -1.21 1.06 -12.67
C ALA B 73 -1.60 1.25 -11.20
N LEU B 74 -0.61 1.29 -10.29
CA LEU B 74 -0.82 1.46 -8.83
C LEU B 74 -0.74 2.94 -8.39
N GLU B 75 -1.19 3.87 -9.24
CA GLU B 75 -1.18 5.29 -8.89
C GLU B 75 -2.38 5.57 -7.99
N LYS B 76 -2.12 6.23 -6.82
CA LYS B 76 -3.12 6.57 -5.80
C LYS B 76 -3.79 5.33 -5.12
N ARG B 77 -3.18 4.14 -5.25
CA ARG B 77 -3.69 2.89 -4.72
C ARG B 77 -2.98 2.51 -3.41
N PRO B 78 -3.73 1.92 -2.44
CA PRO B 78 -3.13 1.62 -1.14
C PRO B 78 -2.28 0.36 -1.12
N VAL B 79 -1.17 0.41 -1.85
CA VAL B 79 -0.20 -0.65 -1.98
C VAL B 79 1.13 -0.02 -1.61
N SER B 80 1.78 -0.48 -0.53
CA SER B 80 3.04 0.09 -0.08
C SER B 80 4.18 -0.28 -1.01
N SER B 81 5.31 0.43 -0.91
CA SER B 81 6.50 0.14 -1.70
C SER B 81 7.04 -1.29 -1.41
N ASP B 82 6.78 -1.80 -0.21
CA ASP B 82 7.16 -3.13 0.19
C ASP B 82 6.32 -4.18 -0.54
N ASP B 83 5.00 -3.95 -0.65
CA ASP B 83 4.09 -4.82 -1.38
C ASP B 83 4.51 -4.98 -2.84
N VAL B 84 4.98 -3.87 -3.45
CA VAL B 84 5.40 -3.86 -4.84
C VAL B 84 6.67 -4.69 -4.96
N GLU B 85 7.67 -4.46 -4.06
CA GLU B 85 8.94 -5.18 -4.13
C GLU B 85 8.79 -6.64 -3.90
N MET B 86 7.90 -7.03 -2.99
CA MET B 86 7.60 -8.43 -2.77
C MET B 86 6.96 -9.06 -3.98
N ALA B 87 6.03 -8.34 -4.66
CA ALA B 87 5.41 -8.86 -5.88
C ALA B 87 6.44 -9.01 -6.99
N ILE B 88 7.38 -8.07 -7.10
CA ILE B 88 8.43 -8.15 -8.10
C ILE B 88 9.33 -9.37 -7.83
N ASN B 89 9.75 -9.58 -6.55
CA ASN B 89 10.59 -10.73 -6.19
C ASN B 89 9.91 -12.05 -6.47
N HIS B 90 8.58 -12.12 -6.31
CA HIS B 90 7.85 -13.36 -6.57
C HIS B 90 7.81 -13.65 -8.06
N ILE B 91 7.66 -12.62 -8.90
CA ILE B 91 7.65 -12.80 -10.34
C ILE B 91 9.02 -13.26 -10.80
N LYS B 92 10.09 -12.66 -10.26
CA LYS B 92 11.47 -13.03 -10.59
C LYS B 92 11.74 -14.48 -10.23
N SER B 93 11.24 -14.92 -9.08
CA SER B 93 11.36 -16.28 -8.58
C SER B 93 10.66 -17.27 -9.52
N GLN B 94 9.47 -16.89 -10.03
CA GLN B 94 8.68 -17.69 -10.95
C GLN B 94 9.35 -17.83 -12.31
N LEU B 95 9.89 -16.73 -12.86
CA LEU B 95 10.58 -16.76 -14.15
C LEU B 95 11.85 -17.63 -14.05
N ARG B 96 12.59 -17.51 -12.94
CA ARG B 96 13.84 -18.25 -12.76
C ARG B 96 13.56 -19.74 -12.60
N ALA B 97 12.42 -20.09 -11.96
CA ALA B 97 11.98 -21.48 -11.76
C ALA B 97 11.71 -22.19 -13.09
N THR B 98 11.42 -21.45 -14.18
CA THR B 98 11.22 -22.03 -15.52
C THR B 98 12.50 -22.69 -16.02
N GLY B 99 13.64 -22.10 -15.67
CA GLY B 99 14.94 -22.57 -16.12
C GLY B 99 15.30 -22.17 -17.54
N GLU B 100 14.44 -21.37 -18.17
CA GLU B 100 14.63 -20.90 -19.54
C GLU B 100 15.69 -19.84 -19.68
N ARG B 101 16.46 -19.89 -20.78
CA ARG B 101 17.46 -18.84 -21.03
C ARG B 101 16.81 -17.55 -21.53
N GLU B 102 15.60 -17.66 -22.13
CA GLU B 102 14.79 -16.56 -22.62
C GLU B 102 13.30 -16.82 -22.37
N VAL B 103 12.55 -15.76 -22.08
CA VAL B 103 11.12 -15.85 -21.75
C VAL B 103 10.32 -14.83 -22.54
N PRO B 104 9.12 -15.21 -23.02
CA PRO B 104 8.28 -14.23 -23.73
C PRO B 104 7.85 -13.09 -22.80
N SER B 105 7.77 -11.84 -23.29
CA SER B 105 7.32 -10.72 -22.44
C SER B 105 5.84 -10.89 -21.98
N LYS B 106 5.05 -11.69 -22.74
CA LYS B 106 3.68 -12.04 -22.43
C LYS B 106 3.64 -12.79 -21.10
N MET B 107 4.63 -13.67 -20.85
CA MET B 107 4.75 -14.43 -19.60
C MET B 107 4.95 -13.48 -18.42
N ILE B 108 5.86 -12.49 -18.55
CA ILE B 108 6.10 -11.48 -17.52
C ILE B 108 4.82 -10.69 -17.25
N GLY B 109 4.11 -10.35 -18.33
CA GLY B 109 2.85 -9.62 -18.29
C GLY B 109 1.76 -10.36 -17.54
N ASN B 110 1.63 -11.68 -17.76
CA ASN B 110 0.60 -12.46 -17.07
C ASN B 110 0.89 -12.59 -15.59
N LEU B 111 2.18 -12.73 -15.23
CA LEU B 111 2.56 -12.79 -13.82
C LEU B 111 2.22 -11.46 -13.14
N VAL B 112 2.48 -10.29 -13.79
CA VAL B 112 2.10 -8.98 -13.21
C VAL B 112 0.60 -8.89 -13.00
N MET B 113 -0.18 -9.38 -13.96
CA MET B 113 -1.63 -9.41 -13.88
C MET B 113 -2.11 -10.19 -12.66
N GLU B 114 -1.44 -11.32 -12.38
CA GLU B 114 -1.75 -12.17 -11.25
C GLU B 114 -1.39 -11.52 -9.93
N GLN B 115 -0.33 -10.72 -9.90
CA GLN B 115 0.06 -10.01 -8.69
C GLN B 115 -0.92 -8.88 -8.43
N LEU B 116 -1.22 -8.10 -9.45
CA LEU B 116 -2.14 -6.99 -9.29
C LEU B 116 -3.54 -7.45 -8.91
N LYS B 117 -3.96 -8.62 -9.38
CA LYS B 117 -5.27 -9.18 -9.02
C LYS B 117 -5.37 -9.37 -7.48
N LYS B 118 -4.24 -9.75 -6.84
CA LYS B 118 -4.14 -9.94 -5.40
C LYS B 118 -3.97 -8.58 -4.67
N LEU B 119 -3.12 -7.67 -5.24
CA LEU B 119 -2.78 -6.36 -4.68
C LEU B 119 -3.90 -5.34 -4.69
N ASP B 120 -4.43 -5.03 -5.88
CA ASP B 120 -5.47 -4.02 -6.03
C ASP B 120 -6.27 -4.26 -7.33
N LYS B 121 -7.60 -4.28 -7.17
CA LYS B 121 -8.53 -4.53 -8.25
C LYS B 121 -8.56 -3.39 -9.28
N VAL B 122 -8.40 -2.13 -8.83
CA VAL B 122 -8.40 -0.97 -9.75
C VAL B 122 -7.11 -0.95 -10.56
N ALA B 123 -5.97 -1.23 -9.90
CA ALA B 123 -4.65 -1.34 -10.53
C ALA B 123 -4.63 -2.42 -11.60
N TYR B 124 -5.37 -3.53 -11.37
CA TYR B 124 -5.49 -4.64 -12.30
C TYR B 124 -6.15 -4.14 -13.60
N ILE B 125 -7.30 -3.43 -13.49
CA ILE B 125 -8.04 -2.88 -14.63
C ILE B 125 -7.18 -1.88 -15.43
N ARG B 126 -6.43 -1.04 -14.69
CA ARG B 126 -5.56 -0.04 -15.33
C ARG B 126 -4.48 -0.73 -16.18
N PHE B 127 -3.77 -1.73 -15.59
CA PHE B 127 -2.74 -2.48 -16.30
C PHE B 127 -3.33 -3.27 -17.45
N ALA B 128 -4.48 -3.95 -17.26
CA ALA B 128 -5.13 -4.72 -18.32
C ALA B 128 -5.53 -3.87 -19.52
N SER B 129 -5.95 -2.61 -19.29
CA SER B 129 -6.34 -1.74 -20.40
C SER B 129 -5.18 -1.44 -21.36
N VAL B 130 -3.95 -1.41 -20.84
CA VAL B 130 -2.79 -1.18 -21.69
C VAL B 130 -2.15 -2.50 -22.11
N TYR B 131 -2.11 -3.48 -21.22
CA TYR B 131 -1.53 -4.79 -21.51
C TYR B 131 -2.36 -5.58 -22.54
N ARG B 132 -3.66 -5.78 -22.26
CA ARG B 132 -4.57 -6.45 -23.20
C ARG B 132 -5.08 -5.50 -24.30
N SER B 133 -4.59 -4.24 -24.31
CA SER B 133 -4.86 -3.15 -25.24
C SER B 133 -6.33 -3.03 -25.57
N PHE B 134 -7.12 -2.37 -24.71
CA PHE B 134 -8.54 -2.19 -24.96
C PHE B 134 -8.66 -1.19 -26.11
N GLU B 135 -9.33 -1.57 -27.22
CA GLU B 135 -9.40 -0.70 -28.39
C GLU B 135 -10.66 0.18 -28.47
N ASP B 136 -11.66 -0.10 -27.65
CA ASP B 136 -12.85 0.74 -27.60
C ASP B 136 -13.36 0.83 -26.13
N ILE B 137 -14.30 1.74 -25.84
CA ILE B 137 -14.76 1.98 -24.48
C ILE B 137 -15.64 0.81 -23.91
N LYS B 138 -16.23 -0.04 -24.78
CA LYS B 138 -17.00 -1.20 -24.32
C LYS B 138 -16.10 -2.24 -23.67
N ASP B 139 -14.89 -2.44 -24.23
CA ASP B 139 -13.89 -3.38 -23.71
C ASP B 139 -13.64 -3.18 -22.22
N PHE B 140 -13.70 -1.92 -21.75
CA PHE B 140 -13.50 -1.61 -20.34
C PHE B 140 -14.53 -2.30 -19.44
N GLY B 141 -15.81 -2.14 -19.77
CA GLY B 141 -16.90 -2.74 -19.00
C GLY B 141 -16.90 -4.26 -19.04
N GLU B 142 -16.48 -4.82 -20.18
CA GLU B 142 -16.40 -6.26 -20.38
C GLU B 142 -15.34 -6.89 -19.49
N GLU B 143 -14.23 -6.18 -19.24
CA GLU B 143 -13.18 -6.73 -18.36
C GLU B 143 -13.44 -6.48 -16.87
N ILE B 144 -14.46 -5.65 -16.53
CA ILE B 144 -14.91 -5.44 -15.15
C ILE B 144 -15.85 -6.62 -14.81
N ALA B 145 -16.80 -6.93 -15.73
CA ALA B 145 -17.76 -8.04 -15.62
C ALA B 145 -17.04 -9.37 -15.51
N ARG B 146 -15.91 -9.52 -16.21
CA ARG B 146 -15.08 -10.73 -16.21
C ARG B 146 -14.69 -11.14 -14.79
N LEU B 147 -14.30 -10.18 -13.93
CA LEU B 147 -13.96 -10.49 -12.55
C LEU B 147 -15.25 -10.67 -11.72
N GLU B 148 -15.82 -11.88 -11.76
CA GLU B 148 -17.06 -12.17 -11.05
C GLU B 148 -16.87 -12.28 -9.56
N ASP B 149 -17.66 -11.53 -8.78
CA ASP B 149 -17.58 -11.56 -7.32
C ASP B 149 -18.92 -11.97 -6.68
PG DTP C . -17.55 4.84 13.69
O1G DTP C . -18.19 4.71 15.05
O2G DTP C . -18.35 4.19 12.58
O3G DTP C . -17.14 6.25 13.37
PB DTP C . -15.60 2.73 12.97
O1B DTP C . -14.17 2.56 13.35
O2B DTP C . -15.94 2.78 11.53
O3B DTP C . -16.18 4.00 13.73
PA DTP C . -17.70 0.62 13.22
O1A DTP C . -18.59 0.41 14.37
O2A DTP C . -18.28 1.07 11.92
O3A DTP C . -16.49 1.58 13.65
O5' DTP C . -16.90 -0.75 12.97
C5' DTP C . -15.79 -0.78 12.05
C4' DTP C . -15.67 -2.17 11.47
O4' DTP C . -15.27 -3.08 12.52
C3' DTP C . -16.96 -2.75 10.92
O3' DTP C . -17.22 -2.32 9.60
C2' DTP C . -16.70 -4.25 11.03
C1' DTP C . -15.85 -4.36 12.29
N9 DTP C . -16.56 -4.78 13.49
C8 DTP C . -17.30 -4.00 14.35
N7 DTP C . -17.95 -4.68 15.26
C5 DTP C . -17.62 -6.00 14.99
C6 DTP C . -18.04 -7.22 15.55
N6 DTP C . -18.85 -7.32 16.60
N1 DTP C . -17.55 -8.36 15.01
C2 DTP C . -16.72 -8.28 13.97
N3 DTP C . -16.26 -7.18 13.35
C4 DTP C . -16.76 -6.08 13.90
PB ADP D . -17.83 4.32 8.30
O1B ADP D . -19.29 3.95 8.39
O2B ADP D . -17.54 5.36 7.25
O3B ADP D . -17.23 4.68 9.65
PA ADP D . -16.95 1.44 8.00
O1A ADP D . -17.14 0.67 6.76
O2A ADP D . -17.77 1.13 9.19
O3A ADP D . -17.09 3.00 7.69
O5' ADP D . -15.40 1.39 8.35
C5' ADP D . -14.52 0.60 7.53
C4' ADP D . -13.16 0.56 8.18
O4' ADP D . -12.70 1.91 8.41
C3' ADP D . -13.09 -0.16 9.53
O3' ADP D . -11.82 -0.80 9.60
C2' ADP D . -13.17 1.02 10.51
O2' ADP D . -12.67 0.70 11.80
C1' ADP D . -12.32 2.03 9.76
N9 ADP D . -12.46 3.43 10.15
C8 ADP D . -13.59 4.21 10.16
N7 ADP D . -13.38 5.46 10.50
C5 ADP D . -12.01 5.52 10.73
C6 ADP D . -11.15 6.56 11.08
N6 ADP D . -11.55 7.82 11.32
N1 ADP D . -9.83 6.29 11.20
C2 ADP D . -9.41 5.04 10.96
N3 ADP D . -10.13 3.97 10.62
C4 ADP D . -11.43 4.28 10.52
ZN ZN E . 15.85 40.97 4.99
MG MG F . -17.83 2.77 11.16
PG DTP G . 8.89 -1.32 -23.65
O1G DTP G . 10.13 -2.04 -24.15
O2G DTP G . 9.00 0.19 -23.74
O3G DTP G . 7.61 -1.87 -24.22
PB DTP G . 7.58 -1.98 -21.12
O1B DTP G . 8.08 -2.02 -19.73
O2B DTP G . 6.92 -3.16 -21.72
O3B DTP G . 8.79 -1.57 -22.09
PA DTP G . 5.06 -0.60 -21.79
O1A DTP G . 4.86 0.82 -22.15
O2A DTP G . 4.72 -1.67 -22.77
O3A DTP G . 6.58 -0.75 -21.31
O5' DTP G . 4.30 -0.84 -20.40
C5' DTP G . 4.31 -2.15 -19.79
C4' DTP G . 3.03 -2.42 -19.04
O4' DTP G . 2.83 -1.42 -18.01
C3' DTP G . 1.76 -2.38 -19.87
O3' DTP G . 1.54 -3.65 -20.46
C2' DTP G . 0.70 -2.08 -18.82
C1' DTP G . 1.44 -1.19 -17.83
N9 DTP G . 1.18 0.25 -17.99
C8 DTP G . 1.80 1.12 -18.84
N7 DTP G . 1.21 2.29 -18.91
C5 DTP G . 0.12 2.18 -18.05
C6 DTP G . -0.93 3.04 -17.73
N6 DTP G . -1.12 4.24 -18.32
N1 DTP G . -1.88 2.60 -16.87
C2 DTP G . -1.77 1.37 -16.37
N3 DTP G . -0.81 0.45 -16.61
C4 DTP G . 0.10 0.92 -17.47
PB ADP H . 6.48 -5.69 -24.92
O1B ADP H . 6.85 -4.29 -24.48
O2B ADP H . 5.83 -5.74 -26.28
O3B ADP H . 7.62 -6.68 -24.78
PA ADP H . 4.26 -5.80 -22.93
O1A ADP H . 3.11 -6.73 -23.03
O2A ADP H . 4.06 -4.34 -23.11
O3A ADP H . 5.40 -6.31 -23.92
O5' ADP H . 4.96 -6.11 -21.56
C5' ADP H . 4.35 -7.05 -20.64
C4' ADP H . 5.09 -7.00 -19.33
O4' ADP H . 6.49 -7.23 -19.54
C3' ADP H . 5.00 -5.68 -18.58
O3' ADP H . 4.95 -6.00 -17.19
C2' ADP H . 6.30 -4.97 -18.97
O2' ADP H . 6.69 -3.97 -18.06
C1' ADP H . 7.23 -6.18 -18.96
N9 ADP H . 8.50 -6.03 -19.67
C8 ADP H . 8.71 -5.69 -20.98
N7 ADP H . 9.97 -5.71 -21.34
C5 ADP H . 10.63 -6.10 -20.19
C6 ADP H . 12.00 -6.34 -19.91
N6 ADP H . 12.98 -6.19 -20.80
N1 ADP H . 12.31 -6.75 -18.66
C2 ADP H . 11.34 -6.90 -17.76
N3 ADP H . 10.03 -6.70 -17.91
C4 ADP H . 9.74 -6.30 -19.15
ZN ZN I . 17.29 -2.89 19.59
MG MG J . 6.12 -2.83 -23.44
#